data_1TKE
#
_entry.id   1TKE
#
_cell.length_a   43.697
_cell.length_b   44.913
_cell.length_c   116.607
_cell.angle_alpha   90.00
_cell.angle_beta   90.00
_cell.angle_gamma   90.00
#
_symmetry.space_group_name_H-M   'P 21 21 21'
#
loop_
_entity.id
_entity.type
_entity.pdbx_description
1 polymer 'Threonyl-tRNA synthetase'
2 non-polymer SERINE
3 water water
#
_entity_poly.entity_id   1
_entity_poly.type   'polypeptide(L)'
_entity_poly.pdbx_seq_one_letter_code
;MPVITLPDGSQRHYDHAVSPMDVALDIGPGLAKACIAGRVNGELVDACDLIENDAQLSIITAKDEEGLEIIRHSCAHLLG
HAIKQLWPHTKMAIGPVIDNGFYYDVDLDRTLTQEDVEALEKRMHELAEKNYDVIKKKVSWHEARETFANRGESYKVSIL
DENIAHDDKPGLYFHEEYVDMCRGPHVPNMRFCHHFKLMKTAGAYWRGDSNNKMLQRIYGTAWA
;
_entity_poly.pdbx_strand_id   A
#
# COMPACT_ATOMS: atom_id res chain seq x y z
N MET A 1 9.80 -21.54 16.66
CA MET A 1 10.75 -22.31 15.80
C MET A 1 9.98 -22.85 14.60
N PRO A 2 9.54 -21.96 13.70
CA PRO A 2 8.78 -22.36 12.52
C PRO A 2 9.50 -23.16 11.45
N VAL A 3 8.79 -24.16 10.92
CA VAL A 3 9.28 -24.97 9.82
C VAL A 3 8.55 -24.40 8.61
N ILE A 4 9.32 -23.87 7.67
CA ILE A 4 8.78 -23.26 6.46
C ILE A 4 8.94 -24.20 5.27
N THR A 5 7.83 -24.50 4.61
CA THR A 5 7.84 -25.38 3.46
C THR A 5 7.58 -24.57 2.19
N LEU A 6 8.45 -24.75 1.21
CA LEU A 6 8.34 -24.03 -0.06
C LEU A 6 7.59 -24.88 -1.10
N PRO A 7 7.10 -24.25 -2.17
CA PRO A 7 6.35 -24.97 -3.21
C PRO A 7 7.05 -26.19 -3.79
N ASP A 8 8.37 -26.15 -3.89
CA ASP A 8 9.13 -27.27 -4.45
C ASP A 8 9.30 -28.44 -3.49
N GLY A 9 8.82 -28.30 -2.26
CA GLY A 9 8.93 -29.37 -1.28
C GLY A 9 10.06 -29.20 -0.28
N SER A 10 10.97 -28.26 -0.53
CA SER A 10 12.06 -28.04 0.40
C SER A 10 11.52 -27.47 1.70
N GLN A 11 12.15 -27.83 2.81
CA GLN A 11 11.72 -27.37 4.12
C GLN A 11 12.89 -26.73 4.84
N ARG A 12 12.62 -25.60 5.48
CA ARG A 12 13.64 -24.88 6.23
C ARG A 12 13.21 -24.74 7.68
N HIS A 13 14.05 -25.24 8.58
CA HIS A 13 13.77 -25.17 10.00
C HIS A 13 14.45 -23.96 10.61
N TYR A 14 13.66 -23.11 11.25
CA TYR A 14 14.19 -21.92 11.88
C TYR A 14 13.93 -21.97 13.38
N ASP A 15 14.79 -21.33 14.16
CA ASP A 15 14.57 -21.33 15.60
C ASP A 15 14.13 -19.94 16.06
N HIS A 16 13.68 -19.15 15.10
CA HIS A 16 13.19 -17.80 15.35
C HIS A 16 12.21 -17.44 14.26
N ALA A 17 11.36 -16.45 14.51
CA ALA A 17 10.39 -16.01 13.51
C ALA A 17 11.15 -15.42 12.33
N VAL A 18 10.64 -15.67 11.13
CA VAL A 18 11.27 -15.15 9.91
C VAL A 18 10.22 -14.58 8.97
N SER A 19 10.63 -13.63 8.16
CA SER A 19 9.73 -13.01 7.19
C SER A 19 9.91 -13.64 5.82
N PRO A 20 8.97 -13.39 4.89
CA PRO A 20 9.15 -13.96 3.55
C PRO A 20 10.48 -13.49 2.96
N MET A 21 10.82 -12.23 3.20
CA MET A 21 12.08 -11.69 2.68
C MET A 21 13.28 -12.41 3.29
N ASP A 22 13.23 -12.72 4.59
CA ASP A 22 14.33 -13.44 5.23
C ASP A 22 14.53 -14.78 4.55
N VAL A 23 13.45 -15.49 4.28
CA VAL A 23 13.55 -16.80 3.64
C VAL A 23 14.03 -16.66 2.20
N ALA A 24 13.54 -15.64 1.49
CA ALA A 24 13.96 -15.42 0.11
C ALA A 24 15.48 -15.20 0.05
N LEU A 25 15.99 -14.43 1.01
CA LEU A 25 17.43 -14.16 1.08
C LEU A 25 18.20 -15.45 1.32
N ASP A 26 17.63 -16.35 2.10
CA ASP A 26 18.29 -17.62 2.38
C ASP A 26 18.36 -18.50 1.14
N ILE A 27 17.38 -18.35 0.26
CA ILE A 27 17.33 -19.12 -0.96
C ILE A 27 18.33 -18.56 -1.97
N GLY A 28 18.35 -17.24 -2.13
CA GLY A 28 19.28 -16.63 -3.06
C GLY A 28 19.10 -15.14 -3.24
N PRO A 29 20.13 -14.44 -3.72
CA PRO A 29 20.04 -12.99 -3.93
C PRO A 29 19.04 -12.58 -5.00
N GLY A 30 18.92 -13.40 -6.04
CA GLY A 30 17.99 -13.08 -7.11
C GLY A 30 16.55 -13.11 -6.65
N LEU A 31 16.19 -14.12 -5.86
CA LEU A 31 14.82 -14.24 -5.38
C LEU A 31 14.50 -13.10 -4.42
N ALA A 32 15.45 -12.74 -3.57
CA ALA A 32 15.23 -11.66 -2.62
C ALA A 32 14.99 -10.34 -3.35
N LYS A 33 15.75 -10.10 -4.40
CA LYS A 33 15.62 -8.87 -5.18
C LYS A 33 14.28 -8.81 -5.92
N ALA A 34 13.77 -9.98 -6.30
CA ALA A 34 12.50 -10.05 -7.02
C ALA A 34 11.29 -10.05 -6.09
N CYS A 35 11.50 -10.40 -4.84
CA CYS A 35 10.42 -10.48 -3.86
C CYS A 35 9.65 -9.20 -3.59
N ILE A 36 8.34 -9.28 -3.78
CA ILE A 36 7.43 -8.15 -3.51
C ILE A 36 6.61 -8.43 -2.27
N ALA A 37 6.21 -9.69 -2.10
CA ALA A 37 5.40 -10.08 -0.95
C ALA A 37 5.46 -11.59 -0.78
N GLY A 38 4.61 -12.11 0.10
CA GLY A 38 4.59 -13.55 0.28
C GLY A 38 3.18 -14.05 0.50
N ARG A 39 3.02 -15.37 0.41
CA ARG A 39 1.72 -15.97 0.70
C ARG A 39 2.08 -17.00 1.76
N VAL A 40 1.49 -16.83 2.94
CA VAL A 40 1.75 -17.69 4.09
C VAL A 40 0.48 -18.44 4.46
N ASN A 41 0.54 -19.76 4.35
CA ASN A 41 -0.61 -20.60 4.65
C ASN A 41 -1.83 -20.09 3.88
N GLY A 42 -1.60 -19.71 2.62
CA GLY A 42 -2.66 -19.24 1.76
C GLY A 42 -3.00 -17.75 1.80
N GLU A 43 -2.46 -17.03 2.78
CA GLU A 43 -2.78 -15.61 2.93
C GLU A 43 -1.66 -14.68 2.46
N LEU A 44 -2.03 -13.64 1.71
CA LEU A 44 -1.04 -12.69 1.25
C LEU A 44 -0.57 -11.83 2.41
N VAL A 45 0.74 -11.68 2.52
CA VAL A 45 1.34 -10.88 3.57
C VAL A 45 2.47 -10.04 3.00
N ASP A 46 2.88 -9.01 3.73
CA ASP A 46 3.99 -8.20 3.27
C ASP A 46 5.27 -8.99 3.43
N ALA A 47 6.26 -8.65 2.63
CA ALA A 47 7.55 -9.34 2.67
C ALA A 47 8.24 -9.23 4.00
N CYS A 48 7.88 -8.23 4.79
CA CYS A 48 8.50 -8.00 6.10
C CYS A 48 7.71 -8.62 7.26
N ASP A 49 6.54 -9.18 6.98
CA ASP A 49 5.72 -9.77 8.05
C ASP A 49 6.35 -11.04 8.61
N LEU A 50 6.46 -11.10 9.93
CA LEU A 50 7.06 -12.27 10.58
C LEU A 50 6.15 -13.49 10.61
N ILE A 51 6.75 -14.64 10.31
CA ILE A 51 6.06 -15.93 10.31
C ILE A 51 6.49 -16.59 11.62
N GLU A 52 5.56 -16.67 12.57
CA GLU A 52 5.85 -17.22 13.89
C GLU A 52 5.80 -18.74 13.99
N ASN A 53 4.91 -19.37 13.24
CA ASN A 53 4.73 -20.82 13.30
C ASN A 53 4.86 -21.52 11.95
N ASP A 54 4.88 -22.85 11.98
CA ASP A 54 4.99 -23.65 10.77
C ASP A 54 4.10 -23.07 9.68
N ALA A 55 4.59 -23.06 8.44
CA ALA A 55 3.80 -22.50 7.35
C ALA A 55 4.27 -22.91 5.97
N GLN A 56 3.33 -22.88 5.03
CA GLN A 56 3.61 -23.14 3.63
C GLN A 56 3.85 -21.71 3.15
N LEU A 57 4.99 -21.48 2.51
CA LEU A 57 5.32 -20.14 2.02
C LEU A 57 5.62 -20.12 0.53
N SER A 58 5.15 -19.07 -0.15
CA SER A 58 5.49 -18.88 -1.56
C SER A 58 5.85 -17.40 -1.67
N ILE A 59 6.77 -17.10 -2.57
CA ILE A 59 7.22 -15.73 -2.78
C ILE A 59 6.53 -15.10 -3.97
N ILE A 60 5.94 -13.92 -3.75
CA ILE A 60 5.24 -13.19 -4.80
C ILE A 60 6.21 -12.20 -5.47
N THR A 61 6.25 -12.21 -6.79
CA THR A 61 7.13 -11.30 -7.53
C THR A 61 6.31 -10.56 -8.59
N ALA A 62 6.97 -9.72 -9.37
CA ALA A 62 6.27 -8.97 -10.41
C ALA A 62 5.69 -9.88 -11.49
N LYS A 63 6.14 -11.13 -11.52
CA LYS A 63 5.66 -12.10 -12.51
C LYS A 63 4.29 -12.64 -12.13
N ASP A 64 3.91 -12.44 -10.87
CA ASP A 64 2.63 -12.92 -10.36
C ASP A 64 1.52 -11.88 -10.50
N GLU A 65 0.29 -12.36 -10.74
CA GLU A 65 -0.85 -11.47 -10.87
C GLU A 65 -0.99 -10.69 -9.57
N GLU A 66 -0.70 -11.35 -8.46
CA GLU A 66 -0.80 -10.70 -7.15
C GLU A 66 0.22 -9.57 -7.04
N GLY A 67 1.37 -9.76 -7.67
CA GLY A 67 2.42 -8.75 -7.64
C GLY A 67 1.97 -7.50 -8.37
N LEU A 68 1.29 -7.68 -9.50
CA LEU A 68 0.81 -6.55 -10.29
C LEU A 68 -0.22 -5.76 -9.48
N GLU A 69 -1.10 -6.47 -8.77
CA GLU A 69 -2.10 -5.79 -7.96
C GLU A 69 -1.45 -4.98 -6.84
N ILE A 70 -0.44 -5.56 -6.21
CA ILE A 70 0.29 -4.89 -5.15
C ILE A 70 1.00 -3.64 -5.67
N ILE A 71 1.60 -3.73 -6.85
CA ILE A 71 2.27 -2.57 -7.45
C ILE A 71 1.23 -1.46 -7.67
N ARG A 72 0.07 -1.82 -8.20
CA ARG A 72 -0.98 -0.83 -8.44
C ARG A 72 -1.44 -0.20 -7.12
N HIS A 73 -1.58 -1.02 -6.09
CA HIS A 73 -2.02 -0.51 -4.81
C HIS A 73 -0.99 0.47 -4.23
N SER A 74 0.30 0.14 -4.34
CA SER A 74 1.32 1.02 -3.83
C SER A 74 1.39 2.33 -4.63
N CYS A 75 0.95 2.28 -5.88
CA CYS A 75 0.93 3.51 -6.69
C CYS A 75 -0.17 4.43 -6.15
N ALA A 76 -1.22 3.86 -5.54
CA ALA A 76 -2.25 4.70 -4.93
C ALA A 76 -1.60 5.41 -3.73
N HIS A 77 -0.80 4.67 -2.96
CA HIS A 77 -0.11 5.29 -1.82
C HIS A 77 0.84 6.37 -2.34
N LEU A 78 1.49 6.11 -3.47
CA LEU A 78 2.41 7.08 -4.06
C LEU A 78 1.66 8.37 -4.41
N LEU A 79 0.43 8.22 -4.90
CA LEU A 79 -0.38 9.39 -5.24
C LEU A 79 -0.59 10.22 -3.97
N GLY A 80 -0.89 9.53 -2.86
CA GLY A 80 -1.08 10.23 -1.61
C GLY A 80 0.18 10.95 -1.18
N HIS A 81 1.30 10.26 -1.24
CA HIS A 81 2.61 10.81 -0.87
C HIS A 81 2.83 12.12 -1.65
N ALA A 82 2.62 12.07 -2.96
CA ALA A 82 2.81 13.24 -3.80
C ALA A 82 1.79 14.35 -3.59
N ILE A 83 0.50 13.99 -3.53
CA ILE A 83 -0.51 15.02 -3.38
C ILE A 83 -0.40 15.76 -2.05
N LYS A 84 0.04 15.07 -1.00
CA LYS A 84 0.18 15.69 0.31
C LYS A 84 1.37 16.65 0.31
N GLN A 85 2.28 16.52 -0.66
CA GLN A 85 3.41 17.45 -0.75
C GLN A 85 2.94 18.70 -1.49
N LEU A 86 2.22 18.50 -2.59
CA LEU A 86 1.75 19.61 -3.42
C LEU A 86 0.65 20.44 -2.77
N TRP A 87 -0.30 19.77 -2.10
CA TRP A 87 -1.41 20.42 -1.40
C TRP A 87 -1.52 19.74 -0.04
N PRO A 88 -0.71 20.15 0.93
CA PRO A 88 -0.72 19.55 2.26
C PRO A 88 -2.08 19.45 2.96
N HIS A 89 -3.00 20.36 2.66
CA HIS A 89 -4.30 20.34 3.32
C HIS A 89 -5.24 19.28 2.77
N THR A 90 -4.82 18.60 1.71
CA THR A 90 -5.64 17.53 1.12
C THR A 90 -5.93 16.46 2.16
N LYS A 91 -7.15 15.93 2.14
CA LYS A 91 -7.48 14.82 3.03
C LYS A 91 -7.70 13.59 2.14
N MET A 92 -7.12 12.48 2.55
CA MET A 92 -7.20 11.23 1.79
C MET A 92 -8.35 10.36 2.25
N ALA A 93 -9.15 9.87 1.31
CA ALA A 93 -10.27 9.02 1.66
C ALA A 93 -9.95 7.56 1.34
N ILE A 94 -10.47 7.01 0.25
CA ILE A 94 -10.21 5.62 -0.11
C ILE A 94 -9.50 5.56 -1.46
N GLY A 95 -8.50 4.67 -1.57
CA GLY A 95 -7.76 4.53 -2.82
C GLY A 95 -7.48 3.07 -3.13
N PRO A 96 -8.46 2.36 -3.69
CA PRO A 96 -8.32 0.95 -4.02
C PRO A 96 -7.79 0.64 -5.40
N VAL A 97 -7.47 -0.64 -5.61
CA VAL A 97 -7.01 -1.10 -6.91
C VAL A 97 -8.31 -1.43 -7.66
N ILE A 98 -8.31 -1.17 -8.96
CA ILE A 98 -9.49 -1.51 -9.76
C ILE A 98 -8.99 -2.35 -10.91
N ASP A 99 -9.91 -2.89 -11.70
CA ASP A 99 -9.51 -3.69 -12.84
C ASP A 99 -8.65 -2.81 -13.72
N ASN A 100 -7.37 -3.17 -13.82
CA ASN A 100 -6.41 -2.44 -14.64
C ASN A 100 -5.99 -1.07 -14.14
N GLY A 101 -5.79 -0.93 -12.83
CA GLY A 101 -5.37 0.36 -12.30
C GLY A 101 -5.71 0.60 -10.84
N PHE A 102 -5.98 1.87 -10.52
CA PHE A 102 -6.32 2.26 -9.16
C PHE A 102 -6.92 3.66 -9.21
N TYR A 103 -7.45 4.10 -8.09
CA TYR A 103 -7.95 5.47 -8.00
C TYR A 103 -7.81 5.89 -6.55
N TYR A 104 -7.88 7.19 -6.31
CA TYR A 104 -7.84 7.69 -4.95
C TYR A 104 -8.82 8.85 -4.87
N ASP A 105 -9.75 8.76 -3.92
CA ASP A 105 -10.71 9.82 -3.68
C ASP A 105 -10.07 10.77 -2.67
N VAL A 106 -10.05 12.05 -3.01
CA VAL A 106 -9.46 13.06 -2.13
C VAL A 106 -10.33 14.28 -1.91
N ASP A 107 -10.10 14.96 -0.80
CA ASP A 107 -10.81 16.18 -0.43
C ASP A 107 -9.80 17.32 -0.45
N LEU A 108 -9.90 18.18 -1.47
CA LEU A 108 -9.01 19.33 -1.60
C LEU A 108 -9.82 20.50 -2.14
N ASP A 109 -9.49 21.71 -1.69
CA ASP A 109 -10.22 22.91 -2.11
C ASP A 109 -9.88 23.37 -3.52
N ARG A 110 -8.89 22.72 -4.13
CA ARG A 110 -8.46 23.04 -5.48
C ARG A 110 -9.18 22.10 -6.45
N THR A 111 -10.00 22.65 -7.34
CA THR A 111 -10.66 21.83 -8.34
C THR A 111 -9.55 21.57 -9.34
N LEU A 112 -9.07 20.32 -9.38
CA LEU A 112 -7.95 19.96 -10.23
C LEU A 112 -8.10 20.20 -11.72
N THR A 113 -7.12 20.91 -12.29
CA THR A 113 -7.08 21.18 -13.72
C THR A 113 -6.20 20.09 -14.33
N GLN A 114 -6.16 19.99 -15.64
CA GLN A 114 -5.32 18.96 -16.24
C GLN A 114 -3.86 19.26 -15.89
N GLU A 115 -3.51 20.54 -15.78
CA GLU A 115 -2.16 20.93 -15.40
C GLU A 115 -1.84 20.43 -13.99
N ASP A 116 -2.83 20.49 -13.10
CA ASP A 116 -2.63 20.01 -11.73
C ASP A 116 -2.40 18.51 -11.73
N VAL A 117 -3.16 17.77 -12.53
CA VAL A 117 -3.01 16.32 -12.62
C VAL A 117 -1.63 15.98 -13.16
N GLU A 118 -1.17 16.73 -14.16
CA GLU A 118 0.15 16.47 -14.73
C GLU A 118 1.24 16.80 -13.71
N ALA A 119 1.03 17.83 -12.89
CA ALA A 119 2.01 18.18 -11.87
C ALA A 119 2.04 17.09 -10.79
N LEU A 120 0.86 16.55 -10.47
CA LEU A 120 0.78 15.47 -9.49
C LEU A 120 1.53 14.24 -10.01
N GLU A 121 1.31 13.89 -11.27
CA GLU A 121 1.99 12.72 -11.82
C GLU A 121 3.50 12.94 -11.84
N LYS A 122 3.93 14.14 -12.20
CA LYS A 122 5.35 14.45 -12.25
C LYS A 122 5.98 14.22 -10.87
N ARG A 123 5.32 14.70 -9.82
CA ARG A 123 5.85 14.53 -8.48
C ARG A 123 5.87 13.05 -8.09
N MET A 124 4.85 12.31 -8.50
CA MET A 124 4.81 10.88 -8.21
C MET A 124 6.03 10.19 -8.82
N HIS A 125 6.37 10.51 -10.06
CA HIS A 125 7.53 9.88 -10.67
C HIS A 125 8.82 10.23 -9.94
N GLU A 126 8.95 11.49 -9.54
CA GLU A 126 10.14 11.91 -8.81
C GLU A 126 10.30 11.15 -7.52
N LEU A 127 9.20 10.99 -6.78
CA LEU A 127 9.25 10.29 -5.51
C LEU A 127 9.52 8.80 -5.66
N ALA A 128 8.85 8.15 -6.60
CA ALA A 128 9.07 6.72 -6.81
C ALA A 128 10.51 6.44 -7.22
N GLU A 129 11.08 7.32 -8.03
CA GLU A 129 12.43 7.14 -8.52
C GLU A 129 13.52 7.32 -7.46
N LYS A 130 13.11 7.73 -6.27
CA LYS A 130 14.04 7.86 -5.14
C LYS A 130 14.28 6.44 -4.59
N ASN A 131 13.46 5.48 -5.02
CA ASN A 131 13.62 4.09 -4.57
C ASN A 131 13.68 3.97 -3.05
N TYR A 132 12.73 4.59 -2.36
CA TYR A 132 12.71 4.52 -0.90
C TYR A 132 12.00 3.28 -0.42
N ASP A 133 12.40 2.80 0.74
CA ASP A 133 11.78 1.62 1.34
C ASP A 133 10.41 2.00 1.91
N VAL A 134 9.47 1.08 1.80
CA VAL A 134 8.16 1.27 2.38
C VAL A 134 8.26 0.59 3.74
N ILE A 135 7.94 1.32 4.80
CA ILE A 135 8.04 0.78 6.14
C ILE A 135 6.66 0.47 6.70
N LYS A 136 6.44 -0.78 7.06
CA LYS A 136 5.15 -1.21 7.60
C LYS A 136 5.18 -1.41 9.10
N LYS A 137 4.10 -1.01 9.75
CA LYS A 137 3.97 -1.20 11.19
C LYS A 137 2.55 -1.67 11.47
N LYS A 138 2.42 -2.82 12.11
CA LYS A 138 1.11 -3.34 12.49
C LYS A 138 0.82 -2.66 13.82
N VAL A 139 -0.30 -1.97 13.91
CA VAL A 139 -0.63 -1.24 15.14
C VAL A 139 -2.03 -1.52 15.65
N SER A 140 -2.33 -1.03 16.84
CA SER A 140 -3.66 -1.19 17.42
C SER A 140 -4.59 -0.21 16.72
N TRP A 141 -5.89 -0.46 16.86
CA TRP A 141 -6.90 0.43 16.29
C TRP A 141 -6.67 1.84 16.82
N HIS A 142 -6.36 1.93 18.11
CA HIS A 142 -6.15 3.21 18.77
C HIS A 142 -4.92 3.96 18.28
N GLU A 143 -3.83 3.25 18.00
CA GLU A 143 -2.64 3.93 17.50
C GLU A 143 -2.89 4.42 16.09
N ALA A 144 -3.60 3.61 15.31
CA ALA A 144 -3.92 4.00 13.94
C ALA A 144 -4.75 5.29 13.96
N ARG A 145 -5.75 5.34 14.83
CA ARG A 145 -6.60 6.52 14.92
C ARG A 145 -5.80 7.75 15.34
N GLU A 146 -4.92 7.60 16.33
CA GLU A 146 -4.11 8.73 16.78
C GLU A 146 -3.20 9.23 15.67
N THR A 147 -2.64 8.30 14.90
CA THR A 147 -1.74 8.66 13.80
C THR A 147 -2.45 9.56 12.79
N PHE A 148 -3.67 9.19 12.41
CA PHE A 148 -4.39 9.99 11.44
C PHE A 148 -5.01 11.24 12.03
N ALA A 149 -5.39 11.18 13.30
CA ALA A 149 -5.94 12.37 13.95
C ALA A 149 -4.85 13.44 13.99
N ASN A 150 -3.62 13.02 14.27
CA ASN A 150 -2.51 13.96 14.33
C ASN A 150 -2.18 14.57 12.97
N ARG A 151 -2.61 13.89 11.92
CA ARG A 151 -2.39 14.39 10.56
C ARG A 151 -3.62 15.12 10.03
N GLY A 152 -4.66 15.21 10.84
CA GLY A 152 -5.89 15.88 10.42
C GLY A 152 -6.64 15.13 9.33
N GLU A 153 -6.36 13.83 9.20
CA GLU A 153 -6.99 13.01 8.19
C GLU A 153 -8.33 12.46 8.68
N SER A 154 -9.34 13.32 8.59
CA SER A 154 -10.67 12.99 9.07
C SER A 154 -11.38 11.83 8.41
N TYR A 155 -11.10 11.57 7.13
CA TYR A 155 -11.75 10.45 6.48
C TYR A 155 -11.16 9.14 6.96
N LYS A 156 -9.83 9.11 7.17
CA LYS A 156 -9.17 7.90 7.67
C LYS A 156 -9.69 7.65 9.09
N VAL A 157 -9.85 8.72 9.87
CA VAL A 157 -10.37 8.58 11.23
C VAL A 157 -11.81 8.07 11.18
N SER A 158 -12.59 8.53 10.20
CA SER A 158 -13.97 8.08 10.06
C SER A 158 -14.03 6.59 9.71
N ILE A 159 -13.10 6.14 8.88
CA ILE A 159 -13.08 4.72 8.52
C ILE A 159 -12.78 3.91 9.78
N LEU A 160 -11.90 4.40 10.63
CA LEU A 160 -11.61 3.69 11.87
C LEU A 160 -12.80 3.72 12.81
N ASP A 161 -13.41 4.89 12.96
CA ASP A 161 -14.56 5.03 13.86
C ASP A 161 -15.78 4.20 13.48
N GLU A 162 -16.06 4.04 12.19
CA GLU A 162 -17.25 3.28 11.86
C GLU A 162 -17.10 2.02 11.03
N ASN A 163 -15.92 1.79 10.47
CA ASN A 163 -15.73 0.62 9.60
C ASN A 163 -14.71 -0.42 10.02
N ILE A 164 -13.92 -0.14 11.05
CA ILE A 164 -12.90 -1.09 11.51
C ILE A 164 -13.12 -1.48 12.96
N ALA A 165 -13.20 -2.79 13.22
CA ALA A 165 -13.40 -3.28 14.57
C ALA A 165 -12.25 -2.83 15.48
N HIS A 166 -12.59 -2.51 16.73
CA HIS A 166 -11.61 -2.04 17.69
C HIS A 166 -10.53 -3.06 18.04
N ASP A 167 -10.79 -4.33 17.76
CA ASP A 167 -9.80 -5.37 18.05
C ASP A 167 -8.96 -5.71 16.83
N ASP A 168 -9.22 -5.03 15.72
CA ASP A 168 -8.47 -5.23 14.49
C ASP A 168 -7.12 -4.54 14.65
N LYS A 169 -6.12 -5.02 13.92
CA LYS A 169 -4.78 -4.43 13.96
C LYS A 169 -4.46 -3.84 12.60
N PRO A 170 -4.78 -2.55 12.39
CA PRO A 170 -4.51 -1.92 11.11
C PRO A 170 -3.03 -1.91 10.71
N GLY A 171 -2.79 -2.00 9.41
CA GLY A 171 -1.42 -1.94 8.93
C GLY A 171 -1.14 -0.52 8.48
N LEU A 172 -0.08 0.06 9.02
CA LEU A 172 0.32 1.41 8.62
C LEU A 172 1.51 1.28 7.70
N TYR A 173 1.47 2.03 6.60
CA TYR A 173 2.55 2.02 5.62
C TYR A 173 3.14 3.42 5.54
N PHE A 174 4.42 3.51 5.88
CA PHE A 174 5.12 4.79 5.86
C PHE A 174 5.94 4.93 4.58
N HIS A 175 5.66 6.00 3.84
CA HIS A 175 6.32 6.32 2.59
C HIS A 175 6.99 7.65 2.90
N GLU A 176 8.21 7.58 3.44
CA GLU A 176 8.95 8.76 3.87
C GLU A 176 8.05 9.48 4.88
N GLU A 177 7.66 10.73 4.64
CA GLU A 177 6.81 11.44 5.61
C GLU A 177 5.31 11.12 5.49
N TYR A 178 4.92 10.44 4.42
CA TYR A 178 3.52 10.09 4.20
C TYR A 178 3.17 8.79 4.90
N VAL A 179 1.93 8.67 5.35
CA VAL A 179 1.48 7.44 6.00
C VAL A 179 0.09 7.09 5.49
N ASP A 180 -0.15 5.81 5.23
CA ASP A 180 -1.46 5.35 4.79
C ASP A 180 -1.78 4.10 5.61
N MET A 181 -3.00 3.60 5.46
CA MET A 181 -3.49 2.45 6.21
C MET A 181 -4.05 1.43 5.24
N CYS A 182 -3.71 0.15 5.41
CA CYS A 182 -4.17 -0.83 4.45
C CYS A 182 -4.00 -2.26 4.93
N ARG A 183 -4.73 -3.16 4.28
CA ARG A 183 -4.58 -4.58 4.58
C ARG A 183 -3.37 -5.03 3.74
N GLY A 184 -3.08 -4.27 2.69
CA GLY A 184 -1.96 -4.59 1.81
C GLY A 184 -2.12 -5.92 1.11
N PRO A 185 -1.02 -6.56 0.70
CA PRO A 185 0.36 -6.09 0.86
C PRO A 185 0.70 -4.88 0.01
N HIS A 186 1.84 -4.28 0.32
CA HIS A 186 2.38 -3.18 -0.45
C HIS A 186 3.78 -3.56 -0.85
N VAL A 187 4.34 -2.86 -1.83
CA VAL A 187 5.69 -3.16 -2.26
C VAL A 187 6.68 -2.89 -1.12
N PRO A 188 7.84 -3.55 -1.13
CA PRO A 188 8.82 -3.32 -0.08
C PRO A 188 9.65 -2.06 -0.32
N ASN A 189 9.70 -1.63 -1.57
CA ASN A 189 10.49 -0.46 -1.98
C ASN A 189 9.84 0.08 -3.25
N MET A 190 9.87 1.40 -3.42
CA MET A 190 9.23 2.01 -4.58
C MET A 190 9.87 1.75 -5.94
N ARG A 191 11.00 1.04 -5.96
CA ARG A 191 11.64 0.71 -7.23
C ARG A 191 10.70 -0.17 -8.07
N PHE A 192 9.72 -0.78 -7.42
CA PHE A 192 8.75 -1.63 -8.13
C PHE A 192 7.61 -0.82 -8.73
N CYS A 193 7.57 0.49 -8.43
CA CYS A 193 6.49 1.37 -8.87
C CYS A 193 6.90 2.48 -9.82
N HIS A 194 7.74 2.19 -10.81
CA HIS A 194 8.14 3.23 -11.73
C HIS A 194 7.27 3.34 -12.97
N HIS A 195 6.44 2.33 -13.23
CA HIS A 195 5.61 2.33 -14.43
C HIS A 195 4.13 2.57 -14.12
N PHE A 196 3.72 3.81 -14.29
CA PHE A 196 2.34 4.20 -14.02
C PHE A 196 2.04 5.51 -14.72
N LYS A 197 0.77 5.87 -14.75
CA LYS A 197 0.33 7.12 -15.34
C LYS A 197 -1.01 7.51 -14.72
N LEU A 198 -1.28 8.80 -14.63
CA LEU A 198 -2.57 9.22 -14.11
C LEU A 198 -3.42 9.43 -15.34
N MET A 199 -4.73 9.21 -15.20
CA MET A 199 -5.61 9.34 -16.32
C MET A 199 -6.61 10.48 -16.11
N LYS A 200 -7.87 10.16 -15.89
CA LYS A 200 -8.88 11.20 -15.70
C LYS A 200 -9.24 11.41 -14.24
N THR A 201 -10.06 12.42 -14.00
CA THR A 201 -10.56 12.67 -12.65
C THR A 201 -12.08 12.74 -12.80
N ALA A 202 -12.78 12.42 -11.74
CA ALA A 202 -14.24 12.45 -11.73
C ALA A 202 -14.67 12.82 -10.32
N GLY A 203 -15.98 12.86 -10.09
CA GLY A 203 -16.47 13.20 -8.78
C GLY A 203 -17.18 12.01 -8.15
N ALA A 204 -17.10 11.90 -6.83
CA ALA A 204 -17.73 10.82 -6.11
C ALA A 204 -18.07 11.26 -4.69
N TYR A 205 -19.34 11.12 -4.30
CA TYR A 205 -19.75 11.49 -2.96
C TYR A 205 -19.13 10.56 -1.93
N TRP A 206 -18.64 11.12 -0.83
CA TRP A 206 -18.07 10.33 0.25
C TRP A 206 -19.14 9.35 0.72
N ARG A 207 -18.79 8.06 0.74
CA ARG A 207 -19.70 6.99 1.15
C ARG A 207 -20.94 6.91 0.26
N GLY A 208 -20.85 7.53 -0.91
CA GLY A 208 -21.96 7.51 -1.86
C GLY A 208 -23.21 8.20 -1.36
N ASP A 209 -23.06 9.02 -0.33
CA ASP A 209 -24.18 9.74 0.26
C ASP A 209 -24.17 11.18 -0.21
N SER A 210 -25.23 11.61 -0.89
CA SER A 210 -25.28 12.98 -1.40
C SER A 210 -25.41 14.02 -0.28
N ASN A 211 -25.50 13.56 0.97
CA ASN A 211 -25.56 14.47 2.10
C ASN A 211 -24.12 14.80 2.48
N ASN A 212 -23.18 13.99 2.03
CA ASN A 212 -21.77 14.19 2.33
C ASN A 212 -21.05 15.00 1.25
N LYS A 213 -19.77 15.25 1.46
CA LYS A 213 -19.00 16.03 0.51
C LYS A 213 -18.70 15.30 -0.79
N MET A 214 -18.72 16.06 -1.88
CA MET A 214 -18.40 15.54 -3.20
C MET A 214 -16.88 15.56 -3.28
N LEU A 215 -16.27 14.37 -3.38
CA LEU A 215 -14.81 14.28 -3.46
C LEU A 215 -14.34 14.20 -4.91
N GLN A 216 -13.04 14.32 -5.12
CA GLN A 216 -12.46 14.22 -6.45
C GLN A 216 -11.79 12.86 -6.54
N ARG A 217 -12.16 12.09 -7.55
CA ARG A 217 -11.60 10.75 -7.77
C ARG A 217 -10.53 10.85 -8.85
N ILE A 218 -9.29 10.51 -8.49
CA ILE A 218 -8.19 10.56 -9.44
C ILE A 218 -7.85 9.14 -9.87
N TYR A 219 -8.01 8.87 -11.15
CA TYR A 219 -7.73 7.54 -11.69
C TYR A 219 -6.33 7.41 -12.25
N GLY A 220 -5.79 6.20 -12.15
CA GLY A 220 -4.48 5.94 -12.69
C GLY A 220 -4.35 4.48 -13.04
N THR A 221 -3.21 4.12 -13.63
CA THR A 221 -2.95 2.74 -13.94
C THR A 221 -1.47 2.51 -13.73
N ALA A 222 -1.10 1.26 -13.58
CA ALA A 222 0.28 0.91 -13.36
C ALA A 222 0.51 -0.49 -13.89
N TRP A 223 1.76 -0.79 -14.18
CA TRP A 223 2.13 -2.10 -14.69
C TRP A 223 3.54 -2.43 -14.19
N ALA A 224 3.96 -3.67 -14.40
CA ALA A 224 5.29 -4.11 -13.94
C ALA A 224 6.41 -3.35 -14.63
#